data_6TPV
#
_entry.id   6TPV
#
_cell.length_a   63.270
_cell.length_b   50.843
_cell.length_c   65.525
_cell.angle_alpha   90.000
_cell.angle_beta   97.220
_cell.angle_gamma   90.000
#
_symmetry.space_group_name_H-M   'P 1 21 1'
#
loop_
_entity.id
_entity.type
_entity.pdbx_description
1 polymer 'Receptor-type tyrosine-protein phosphatase F'
2 non-polymer IMIDAZOLE
3 water water
#
_entity_poly.entity_id   1
_entity_poly.type   'polypeptide(L)'
_entity_poly.pdbx_seq_one_letter_code
;MHHHHHHENLYFQGPKPPIDLVVTETTATSVTLTWDSGNSEPVTYYGIQYRAAGTEGPFQEVDGVATTRYSIGGLSPFSE
YAFRVLAVNSIGRGPPSEAVRARTGEQAPSSPPRRVQARMLSASTMLVQWEPPEEPNGLVRGYRVYYTPDSRRPPNAWHK
HNTDAGLLTTVGSLLPGITYSLRVLAFTAVGDGPPSPTIQVKTQQGVP
;
_entity_poly.pdbx_strand_id   A,B
#
# COMPACT_ATOMS: atom_id res chain seq x y z
N GLY A 14 -3.20 -33.89 -2.16
CA GLY A 14 -3.33 -32.61 -1.46
C GLY A 14 -2.08 -31.77 -1.65
N PRO A 15 -2.28 -30.51 -2.03
CA PRO A 15 -1.14 -29.61 -2.20
C PRO A 15 -0.51 -29.26 -0.86
N LYS A 16 0.71 -28.74 -0.94
CA LYS A 16 1.46 -28.25 0.20
C LYS A 16 1.03 -26.83 0.59
N PRO A 17 1.39 -26.37 1.78
CA PRO A 17 1.01 -25.03 2.17
C PRO A 17 1.74 -24.01 1.32
N PRO A 18 1.05 -22.97 0.86
CA PRO A 18 1.74 -21.81 0.27
C PRO A 18 2.78 -21.28 1.24
N ILE A 19 3.83 -20.63 0.71
CA ILE A 19 4.88 -20.09 1.57
C ILE A 19 5.12 -18.62 1.22
N ASP A 20 5.92 -17.96 2.08
CA ASP A 20 6.33 -16.57 1.91
C ASP A 20 5.13 -15.65 1.79
N LEU A 21 4.11 -15.91 2.61
CA LEU A 21 2.96 -15.03 2.66
C LEU A 21 3.42 -13.71 3.25
N VAL A 22 3.19 -12.61 2.54
CA VAL A 22 3.67 -11.31 3.03
C VAL A 22 2.53 -10.33 2.93
N VAL A 23 2.37 -9.50 3.97
CA VAL A 23 1.47 -8.36 3.87
C VAL A 23 2.27 -7.28 3.17
N THR A 24 1.82 -6.88 1.99
CA THR A 24 2.59 -5.91 1.22
C THR A 24 2.01 -4.53 1.29
N GLU A 25 0.73 -4.40 1.62
CA GLU A 25 0.11 -3.08 1.70
C GLU A 25 -0.98 -3.17 2.74
N THR A 26 -1.18 -2.07 3.49
CA THR A 26 -2.26 -1.98 4.46
C THR A 26 -2.87 -0.58 4.38
N THR A 27 -4.19 -0.53 4.34
CA THR A 27 -4.94 0.71 4.53
C THR A 27 -5.88 0.58 5.73
N ALA A 28 -6.83 1.52 5.87
CA ALA A 28 -7.79 1.43 6.98
C ALA A 28 -8.79 0.28 6.81
N THR A 29 -9.13 -0.15 5.58
CA THR A 29 -10.15 -1.17 5.38
C THR A 29 -9.67 -2.30 4.47
N SER A 30 -8.39 -2.36 4.17
CA SER A 30 -7.93 -3.37 3.24
C SER A 30 -6.50 -3.75 3.53
N VAL A 31 -6.16 -4.95 3.10
CA VAL A 31 -4.83 -5.53 3.15
C VAL A 31 -4.54 -6.20 1.83
N THR A 32 -3.35 -5.97 1.30
CA THR A 32 -2.88 -6.64 0.09
C THR A 32 -1.84 -7.69 0.48
N LEU A 33 -2.03 -8.92 -0.05
CA LEU A 33 -1.20 -10.08 0.24
C LEU A 33 -0.51 -10.60 -1.00
N THR A 34 0.68 -11.16 -0.82
CA THR A 34 1.36 -11.89 -1.86
C THR A 34 1.94 -13.14 -1.21
N TRP A 35 2.04 -14.18 -2.02
CA TRP A 35 2.61 -15.42 -1.54
C TRP A 35 3.16 -16.17 -2.73
N ASP A 36 3.87 -17.25 -2.45
CA ASP A 36 4.31 -18.19 -3.47
C ASP A 36 3.60 -19.52 -3.27
N SER A 37 3.41 -20.24 -4.39
CA SER A 37 2.57 -21.44 -4.36
C SER A 37 3.03 -22.46 -3.34
N GLY A 38 4.35 -22.59 -3.12
CA GLY A 38 4.79 -23.63 -2.23
C GLY A 38 4.63 -25.04 -2.78
N ASN A 39 4.37 -25.18 -4.08
CA ASN A 39 4.08 -26.46 -4.71
C ASN A 39 4.87 -26.58 -6.01
N SER A 40 5.32 -27.82 -6.33
CA SER A 40 5.97 -28.07 -7.61
C SER A 40 4.96 -28.23 -8.74
N GLU A 41 3.82 -28.84 -8.45
CA GLU A 41 2.74 -29.01 -9.40
C GLU A 41 1.85 -27.79 -9.43
N PRO A 42 1.07 -27.59 -10.49
CA PRO A 42 0.24 -26.38 -10.56
C PRO A 42 -0.88 -26.44 -9.53
N VAL A 43 -1.12 -25.29 -8.90
CA VAL A 43 -2.20 -25.13 -7.96
C VAL A 43 -3.36 -24.49 -8.69
N THR A 44 -4.55 -25.06 -8.54
CA THR A 44 -5.67 -24.53 -9.31
C THR A 44 -6.11 -23.16 -8.79
N TYR A 45 -6.32 -23.04 -7.49
CA TYR A 45 -6.66 -21.75 -6.89
C TYR A 45 -6.32 -21.82 -5.41
N TYR A 46 -6.51 -20.68 -4.73
CA TYR A 46 -6.20 -20.52 -3.32
C TYR A 46 -7.41 -20.08 -2.53
N GLY A 47 -7.40 -20.40 -1.24
CA GLY A 47 -8.33 -19.83 -0.28
C GLY A 47 -7.54 -18.93 0.67
N ILE A 48 -8.12 -17.79 0.99
CA ILE A 48 -7.52 -16.88 1.96
C ILE A 48 -8.42 -16.86 3.19
N GLN A 49 -7.84 -17.15 4.35
CA GLN A 49 -8.57 -17.13 5.60
C GLN A 49 -8.03 -15.99 6.45
N TYR A 50 -8.91 -15.36 7.22
CA TYR A 50 -8.46 -14.20 7.99
C TYR A 50 -9.43 -13.93 9.11
N ARG A 51 -8.94 -13.23 10.15
CA ARG A 51 -9.84 -12.93 11.25
C ARG A 51 -9.25 -11.84 12.14
N ALA A 52 -10.15 -11.11 12.77
CA ALA A 52 -9.78 -10.01 13.65
C ALA A 52 -9.13 -10.49 14.94
N ALA A 53 -8.19 -9.68 15.45
CA ALA A 53 -7.46 -10.08 16.66
C ALA A 53 -8.40 -10.42 17.80
N GLY A 54 -9.43 -9.60 18.04
CA GLY A 54 -10.22 -9.90 19.23
C GLY A 54 -11.48 -10.73 19.05
N THR A 55 -11.58 -11.48 17.96
CA THR A 55 -12.78 -12.27 17.70
C THR A 55 -12.61 -13.70 18.20
N GLU A 56 -13.69 -14.29 18.67
CA GLU A 56 -13.67 -15.65 19.14
C GLU A 56 -14.42 -16.51 18.14
N GLY A 57 -13.70 -17.31 17.35
CA GLY A 57 -14.36 -18.12 16.35
C GLY A 57 -13.59 -18.34 15.07
N PRO A 58 -14.32 -18.71 14.03
CA PRO A 58 -13.69 -19.21 12.80
C PRO A 58 -13.16 -18.11 11.90
N PHE A 59 -12.09 -18.45 11.17
CA PHE A 59 -11.55 -17.54 10.17
C PHE A 59 -12.64 -17.21 9.14
N GLN A 60 -12.55 -16.02 8.56
CA GLN A 60 -13.32 -15.63 7.38
C GLN A 60 -12.57 -16.10 6.16
N GLU A 61 -13.29 -16.23 5.04
CA GLU A 61 -12.66 -16.83 3.89
C GLU A 61 -13.06 -16.12 2.60
N VAL A 62 -12.09 -15.98 1.71
CA VAL A 62 -12.32 -15.67 0.31
C VAL A 62 -11.86 -16.91 -0.47
N ASP A 63 -12.75 -17.50 -1.24
CA ASP A 63 -12.43 -18.73 -1.97
C ASP A 63 -12.19 -18.41 -3.43
N GLY A 64 -11.56 -19.35 -4.14
CA GLY A 64 -11.45 -19.22 -5.58
C GLY A 64 -10.47 -18.20 -6.09
N VAL A 65 -9.38 -17.92 -5.37
CA VAL A 65 -8.41 -16.93 -5.82
C VAL A 65 -7.39 -17.59 -6.74
N ALA A 66 -7.34 -17.15 -7.98
CA ALA A 66 -6.53 -17.88 -8.95
C ALA A 66 -5.13 -17.29 -9.11
N THR A 67 -4.82 -16.18 -8.46
CA THR A 67 -3.52 -15.53 -8.57
C THR A 67 -2.79 -15.66 -7.24
N THR A 68 -1.51 -15.24 -7.21
CA THR A 68 -0.75 -15.26 -5.97
C THR A 68 -0.62 -13.85 -5.37
N ARG A 69 -1.60 -13.00 -5.67
CA ARG A 69 -1.71 -11.65 -5.14
CA ARG A 69 -1.71 -11.64 -5.17
C ARG A 69 -3.19 -11.36 -4.94
N TYR A 70 -3.55 -10.81 -3.78
CA TYR A 70 -4.97 -10.53 -3.60
C TYR A 70 -5.10 -9.43 -2.56
N SER A 71 -6.13 -8.60 -2.70
CA SER A 71 -6.42 -7.54 -1.73
C SER A 71 -7.76 -7.80 -1.07
N ILE A 72 -7.73 -7.95 0.25
CA ILE A 72 -8.93 -8.20 1.03
C ILE A 72 -9.44 -6.87 1.56
N GLY A 73 -10.67 -6.52 1.16
CA GLY A 73 -11.30 -5.31 1.62
C GLY A 73 -12.37 -5.59 2.68
N GLY A 74 -13.09 -4.52 3.04
CA GLY A 74 -14.16 -4.64 4.03
C GLY A 74 -13.71 -4.82 5.46
N LEU A 75 -12.44 -4.55 5.76
CA LEU A 75 -11.92 -4.81 7.08
C LEU A 75 -12.25 -3.65 8.02
N SER A 76 -12.23 -3.92 9.30
CA SER A 76 -12.49 -2.85 10.25
C SER A 76 -11.23 -1.99 10.48
N PRO A 77 -11.37 -0.69 10.62
CA PRO A 77 -10.21 0.18 10.88
C PRO A 77 -9.55 -0.11 12.22
N PHE A 78 -8.27 0.24 12.30
CA PHE A 78 -7.51 0.27 13.56
C PHE A 78 -7.61 -1.08 14.27
N SER A 79 -7.59 -2.15 13.48
CA SER A 79 -7.84 -3.51 13.97
C SER A 79 -6.70 -4.45 13.58
N GLU A 80 -6.32 -5.34 14.49
CA GLU A 80 -5.25 -6.28 14.20
C GLU A 80 -5.90 -7.56 13.62
N TYR A 81 -5.35 -8.02 12.51
CA TYR A 81 -5.86 -9.17 11.77
C TYR A 81 -4.78 -10.21 11.59
N ALA A 82 -5.21 -11.42 11.32
CA ALA A 82 -4.32 -12.49 10.94
C ALA A 82 -4.84 -13.04 9.63
N PHE A 83 -3.92 -13.37 8.72
CA PHE A 83 -4.22 -13.87 7.40
C PHE A 83 -3.44 -15.14 7.13
N ARG A 84 -4.03 -16.07 6.39
CA ARG A 84 -3.29 -17.26 5.98
C ARG A 84 -3.90 -17.73 4.68
N VAL A 85 -3.11 -18.46 3.91
CA VAL A 85 -3.52 -18.84 2.57
C VAL A 85 -3.41 -20.35 2.41
N LEU A 86 -4.35 -20.94 1.66
CA LEU A 86 -4.28 -22.36 1.38
C LEU A 86 -4.42 -22.60 -0.12
N ALA A 87 -3.85 -23.71 -0.56
CA ALA A 87 -3.87 -24.15 -1.95
C ALA A 87 -4.95 -25.20 -2.20
N VAL A 88 -5.48 -25.21 -3.42
CA VAL A 88 -6.49 -26.18 -3.85
C VAL A 88 -6.02 -26.77 -5.18
N ASN A 89 -6.09 -28.08 -5.31
CA ASN A 89 -5.85 -28.69 -6.61
C ASN A 89 -6.94 -29.72 -6.84
N SER A 90 -6.75 -30.60 -7.83
CA SER A 90 -7.80 -31.55 -8.15
C SER A 90 -8.05 -32.50 -6.98
N ILE A 91 -7.02 -32.80 -6.20
CA ILE A 91 -7.16 -33.72 -5.08
C ILE A 91 -8.00 -33.10 -3.97
N GLY A 92 -7.78 -31.83 -3.66
CA GLY A 92 -8.53 -31.17 -2.62
C GLY A 92 -7.77 -29.91 -2.17
N ARG A 93 -8.19 -29.40 -1.02
CA ARG A 93 -7.56 -28.24 -0.38
C ARG A 93 -6.40 -28.68 0.51
N GLY A 94 -5.33 -27.90 0.53
CA GLY A 94 -4.19 -28.25 1.33
C GLY A 94 -4.23 -27.57 2.68
N PRO A 95 -3.22 -27.85 3.53
CA PRO A 95 -3.16 -27.17 4.82
C PRO A 95 -2.87 -25.69 4.62
N PRO A 96 -3.28 -24.84 5.56
CA PRO A 96 -3.02 -23.40 5.41
C PRO A 96 -1.55 -23.09 5.64
N SER A 97 -1.11 -21.98 5.04
CA SER A 97 0.19 -21.42 5.34
C SER A 97 0.24 -21.00 6.81
N GLU A 98 1.44 -20.68 7.26
CA GLU A 98 1.60 -19.94 8.51
C GLU A 98 0.87 -18.61 8.40
N ALA A 99 0.31 -18.16 9.54
CA ALA A 99 -0.46 -16.94 9.57
C ALA A 99 0.44 -15.73 9.70
N VAL A 100 0.08 -14.65 9.02
CA VAL A 100 0.81 -13.38 9.09
C VAL A 100 -0.07 -12.31 9.71
N ARG A 101 0.59 -11.28 10.26
CA ARG A 101 -0.03 -10.22 11.04
C ARG A 101 -0.22 -8.96 10.22
N ALA A 102 -1.37 -8.30 10.38
CA ALA A 102 -1.52 -6.95 9.87
C ALA A 102 -2.39 -6.15 10.83
N ARG A 103 -2.14 -4.84 10.89
CA ARG A 103 -3.03 -3.91 11.59
C ARG A 103 -3.50 -2.86 10.61
N THR A 104 -4.83 -2.70 10.46
CA THR A 104 -5.35 -1.71 9.54
C THR A 104 -5.18 -0.27 10.08
N GLY A 105 -5.20 0.67 9.14
CA GLY A 105 -5.01 2.07 9.45
C GLY A 105 -6.24 2.71 10.07
N GLU A 106 -6.12 4.02 10.32
CA GLU A 106 -7.12 4.75 11.08
C GLU A 106 -8.15 5.42 10.18
N GLN A 107 -9.32 5.72 10.77
CA GLN A 107 -10.30 6.65 10.22
C GLN A 107 -10.68 7.69 11.27
N ALA A 108 -11.58 8.59 10.90
CA ALA A 108 -12.28 9.40 11.89
C ALA A 108 -13.16 8.49 12.74
N PRO A 109 -13.41 8.84 14.00
CA PRO A 109 -14.36 8.05 14.79
C PRO A 109 -15.71 7.99 14.09
N SER A 110 -16.43 6.89 14.30
CA SER A 110 -17.76 6.74 13.72
C SER A 110 -18.83 6.69 14.81
N SER A 111 -18.51 7.12 16.03
CA SER A 111 -19.51 7.21 17.08
C SER A 111 -19.10 8.37 17.98
N PRO A 112 -20.03 8.88 18.80
CA PRO A 112 -19.75 10.10 19.56
C PRO A 112 -19.06 9.81 20.88
N PRO A 113 -18.47 10.85 21.49
CA PRO A 113 -18.10 10.74 22.91
C PRO A 113 -19.35 10.32 23.67
N ARG A 114 -19.18 9.44 24.63
CA ARG A 114 -20.30 8.82 25.33
CA ARG A 114 -20.31 8.83 25.33
C ARG A 114 -20.62 9.55 26.63
N ARG A 115 -21.91 9.54 27.00
CA ARG A 115 -22.36 10.04 28.30
C ARG A 115 -21.82 11.44 28.58
N VAL A 116 -22.03 12.33 27.61
CA VAL A 116 -21.66 13.74 27.79
C VAL A 116 -22.53 14.34 28.88
N GLN A 117 -21.92 15.11 29.78
CA GLN A 117 -22.69 15.82 30.79
C GLN A 117 -22.00 17.16 31.04
N ALA A 118 -22.77 18.10 31.55
CA ALA A 118 -22.24 19.44 31.80
C ALA A 118 -22.99 20.04 32.96
N ARG A 119 -22.30 20.90 33.72
CA ARG A 119 -22.95 21.60 34.82
C ARG A 119 -22.13 22.82 35.16
N MET A 120 -22.80 23.80 35.77
CA MET A 120 -22.15 25.03 36.17
C MET A 120 -21.44 24.80 37.50
N LEU A 121 -20.14 25.11 37.54
CA LEU A 121 -19.35 25.12 38.78
C LEU A 121 -19.41 26.46 39.50
N SER A 122 -19.73 27.53 38.77
CA SER A 122 -19.89 28.88 39.27
C SER A 122 -20.92 29.56 38.39
N ALA A 123 -21.14 30.85 38.61
CA ALA A 123 -22.10 31.57 37.79
C ALA A 123 -21.71 31.58 36.32
N SER A 124 -20.41 31.50 36.03
CA SER A 124 -19.89 31.70 34.69
C SER A 124 -19.05 30.54 34.15
N THR A 125 -18.69 29.55 34.96
CA THR A 125 -17.85 28.45 34.50
C THR A 125 -18.65 27.16 34.42
N MET A 126 -18.56 26.51 33.27
CA MET A 126 -19.23 25.26 33.04
C MET A 126 -18.20 24.14 32.99
N LEU A 127 -18.50 23.04 33.67
CA LEU A 127 -17.71 21.80 33.57
C LEU A 127 -18.38 20.85 32.58
N VAL A 128 -17.63 20.35 31.60
CA VAL A 128 -18.14 19.39 30.61
C VAL A 128 -17.30 18.13 30.71
N GLN A 129 -17.94 16.97 30.68
CA GLN A 129 -17.17 15.73 30.66
C GLN A 129 -17.87 14.65 29.83
N TRP A 130 -17.09 13.64 29.50
CA TRP A 130 -17.56 12.60 28.56
C TRP A 130 -16.68 11.37 28.73
N GLU A 131 -16.98 10.34 27.95
CA GLU A 131 -16.18 9.13 27.83
C GLU A 131 -15.81 8.93 26.37
N PRO A 132 -14.76 8.17 26.09
CA PRO A 132 -14.31 8.02 24.71
C PRO A 132 -15.39 7.39 23.83
N PRO A 133 -15.34 7.62 22.54
CA PRO A 133 -16.32 6.97 21.65
C PRO A 133 -16.17 5.46 21.62
N GLU A 134 -17.28 4.79 21.38
CA GLU A 134 -17.24 3.32 21.22
C GLU A 134 -16.49 2.91 19.97
N GLU A 135 -16.52 3.71 18.91
CA GLU A 135 -15.87 3.41 17.63
C GLU A 135 -14.87 4.52 17.27
N PRO A 136 -13.74 4.59 17.99
CA PRO A 136 -12.78 5.67 17.70
C PRO A 136 -12.11 5.50 16.34
N ASN A 137 -11.92 4.26 15.91
CA ASN A 137 -11.28 3.95 14.63
C ASN A 137 -9.84 4.43 14.56
N GLY A 138 -9.20 4.56 15.71
CA GLY A 138 -7.86 5.10 15.77
C GLY A 138 -7.62 5.70 17.13
N LEU A 139 -6.43 6.27 17.29
CA LEU A 139 -6.06 6.97 18.53
C LEU A 139 -6.76 8.32 18.57
N VAL A 140 -7.54 8.55 19.62
CA VAL A 140 -8.25 9.82 19.75
C VAL A 140 -7.24 10.90 20.15
N ARG A 141 -7.13 11.94 19.33
CA ARG A 141 -6.17 13.01 19.56
C ARG A 141 -6.76 14.20 20.32
N GLY A 142 -8.08 14.27 20.42
CA GLY A 142 -8.69 15.41 21.06
C GLY A 142 -10.19 15.36 20.88
N TYR A 143 -10.84 16.36 21.50
CA TYR A 143 -12.30 16.54 21.40
C TYR A 143 -12.59 17.97 21.01
N ARG A 144 -13.81 18.20 20.52
CA ARG A 144 -14.27 19.56 20.23
C ARG A 144 -15.62 19.76 20.91
N VAL A 145 -15.71 20.75 21.78
CA VAL A 145 -16.95 21.10 22.46
C VAL A 145 -17.56 22.29 21.72
N TYR A 146 -18.77 22.11 21.20
CA TYR A 146 -19.50 23.20 20.54
C TYR A 146 -20.58 23.67 21.49
N TYR A 147 -20.68 25.00 21.70
CA TYR A 147 -21.74 25.49 22.57
C TYR A 147 -22.23 26.84 22.07
N THR A 148 -23.49 27.16 22.37
CA THR A 148 -24.11 28.38 21.88
C THR A 148 -25.24 28.78 22.81
N PRO A 149 -25.52 30.08 22.93
CA PRO A 149 -26.78 30.51 23.54
C PRO A 149 -28.00 30.41 22.63
N ASP A 150 -27.84 30.15 21.32
CA ASP A 150 -29.01 29.99 20.45
C ASP A 150 -28.78 28.79 19.52
N SER A 151 -29.48 27.68 19.80
CA SER A 151 -29.30 26.43 19.06
C SER A 151 -29.80 26.52 17.62
N ARG A 152 -30.55 27.57 17.27
CA ARG A 152 -31.00 27.73 15.88
C ARG A 152 -29.89 28.17 14.96
N ARG A 153 -28.76 28.59 15.52
CA ARG A 153 -27.65 28.98 14.69
C ARG A 153 -27.05 27.77 14.02
N PRO A 154 -26.54 27.94 12.80
CA PRO A 154 -25.82 26.85 12.13
C PRO A 154 -24.63 26.39 12.94
N PRO A 155 -24.23 25.13 12.80
CA PRO A 155 -23.13 24.60 13.65
C PRO A 155 -21.84 25.42 13.66
N ASN A 156 -21.43 25.99 12.53
CA ASN A 156 -20.22 26.82 12.46
C ASN A 156 -20.42 28.19 13.07
N ALA A 157 -21.61 28.50 13.52
CA ALA A 157 -21.82 29.73 14.28
C ALA A 157 -21.83 29.46 15.77
N TRP A 158 -21.76 28.19 16.17
CA TRP A 158 -21.56 27.83 17.56
C TRP A 158 -20.11 28.08 17.95
N HIS A 159 -19.89 28.40 19.22
CA HIS A 159 -18.52 28.56 19.68
C HIS A 159 -17.85 27.19 19.80
N LYS A 160 -16.61 27.12 19.34
CA LYS A 160 -15.85 25.88 19.32
C LYS A 160 -14.71 25.96 20.33
N HIS A 161 -14.62 24.94 21.16
CA HIS A 161 -13.62 24.81 22.21
C HIS A 161 -12.92 23.46 22.02
N ASN A 162 -11.66 23.52 21.55
CA ASN A 162 -10.89 22.30 21.33
C ASN A 162 -10.23 21.85 22.62
N THR A 163 -10.09 20.53 22.79
CA THR A 163 -9.37 19.94 23.92
C THR A 163 -8.43 18.85 23.43
N ASP A 164 -7.50 18.45 24.32
CA ASP A 164 -6.70 17.26 24.03
C ASP A 164 -7.52 16.03 24.36
N ALA A 165 -6.87 14.86 24.42
CA ALA A 165 -7.62 13.61 24.52
C ALA A 165 -8.13 13.35 25.92
N GLY A 166 -7.94 14.29 26.86
CA GLY A 166 -8.52 14.15 28.18
C GLY A 166 -10.05 14.17 28.12
N LEU A 167 -10.68 13.78 29.22
CA LEU A 167 -12.11 13.50 29.23
C LEU A 167 -12.95 14.55 29.94
N LEU A 168 -12.39 15.74 30.15
CA LEU A 168 -13.13 16.80 30.83
C LEU A 168 -12.44 18.11 30.49
N THR A 169 -13.20 19.19 30.57
CA THR A 169 -12.70 20.53 30.28
C THR A 169 -13.64 21.53 30.97
N THR A 170 -13.21 22.78 31.03
CA THR A 170 -14.14 23.80 31.48
C THR A 170 -14.28 24.83 30.38
N VAL A 171 -15.43 25.48 30.37
CA VAL A 171 -15.70 26.63 29.52
C VAL A 171 -16.08 27.77 30.44
N GLY A 172 -15.33 28.87 30.36
CA GLY A 172 -15.48 29.99 31.24
C GLY A 172 -16.08 31.21 30.56
N SER A 173 -16.30 32.23 31.37
CA SER A 173 -16.85 33.51 30.92
C SER A 173 -18.22 33.35 30.27
N LEU A 174 -19.03 32.39 30.74
CA LEU A 174 -20.40 32.31 30.23
C LEU A 174 -21.27 33.40 30.82
N LEU A 175 -22.34 33.68 30.13
CA LEU A 175 -23.30 34.72 30.48
C LEU A 175 -24.40 34.19 31.38
N PRO A 176 -24.87 34.97 32.32
CA PRO A 176 -25.82 34.47 33.32
C PRO A 176 -27.25 34.43 32.81
N GLY A 177 -28.03 33.56 33.43
CA GLY A 177 -29.45 33.47 33.14
C GLY A 177 -29.76 32.98 31.75
N ILE A 178 -28.86 32.19 31.16
CA ILE A 178 -28.98 31.79 29.77
C ILE A 178 -29.03 30.26 29.73
N THR A 179 -29.77 29.72 28.79
CA THR A 179 -29.69 28.29 28.50
C THR A 179 -28.65 28.11 27.41
N TYR A 180 -27.55 27.45 27.71
CA TYR A 180 -26.62 27.09 26.64
C TYR A 180 -26.93 25.68 26.15
N SER A 181 -26.73 25.48 24.85
CA SER A 181 -26.78 24.17 24.23
C SER A 181 -25.36 23.75 23.87
N LEU A 182 -25.04 22.48 23.98
CA LEU A 182 -23.68 21.96 23.87
C LEU A 182 -23.68 20.58 23.20
N ARG A 183 -22.68 20.30 22.36
CA ARG A 183 -22.43 18.94 21.85
C ARG A 183 -20.93 18.75 21.77
N VAL A 184 -20.48 17.50 21.82
CA VAL A 184 -19.06 17.17 21.81
C VAL A 184 -18.76 16.14 20.74
N LEU A 185 -17.64 16.29 20.03
CA LEU A 185 -17.21 15.20 19.13
C LEU A 185 -15.76 14.86 19.42
N ALA A 186 -15.35 13.65 19.02
CA ALA A 186 -13.96 13.22 19.10
C ALA A 186 -13.31 13.30 17.73
N PHE A 187 -11.96 13.42 17.73
CA PHE A 187 -11.26 13.34 16.46
C PHE A 187 -10.01 12.48 16.58
N THR A 188 -9.73 11.70 15.51
CA THR A 188 -8.42 11.07 15.37
C THR A 188 -7.54 11.97 14.49
N ALA A 189 -6.31 11.55 14.23
CA ALA A 189 -5.53 12.33 13.28
C ALA A 189 -6.19 12.41 11.91
N VAL A 190 -7.11 11.49 11.58
CA VAL A 190 -7.73 11.55 10.25
C VAL A 190 -8.80 12.65 10.20
N GLY A 191 -9.62 12.77 11.23
CA GLY A 191 -10.66 13.78 11.21
C GLY A 191 -11.69 13.58 12.32
N ASP A 192 -12.76 14.39 12.23
CA ASP A 192 -13.80 14.47 13.25
C ASP A 192 -14.83 13.36 13.14
N GLY A 193 -15.28 12.87 14.30
CA GLY A 193 -16.39 11.95 14.35
C GLY A 193 -17.70 12.69 14.50
N PRO A 194 -18.78 11.93 14.69
CA PRO A 194 -20.11 12.54 14.89
C PRO A 194 -20.21 13.17 16.25
N PRO A 195 -21.09 14.16 16.41
CA PRO A 195 -21.29 14.79 17.72
C PRO A 195 -22.26 13.97 18.58
N SER A 196 -22.11 14.15 19.89
CA SER A 196 -23.06 13.68 20.89
C SER A 196 -24.39 14.34 20.65
N PRO A 197 -25.48 13.77 21.16
CA PRO A 197 -26.76 14.49 21.13
C PRO A 197 -26.59 15.80 21.89
N THR A 198 -27.31 16.83 21.46
CA THR A 198 -27.20 18.14 22.13
C THR A 198 -27.80 18.07 23.53
N ILE A 199 -27.12 18.69 24.52
CA ILE A 199 -27.67 18.83 25.86
C ILE A 199 -27.76 20.30 26.18
N GLN A 200 -28.64 20.63 27.11
CA GLN A 200 -28.79 22.00 27.60
C GLN A 200 -28.29 22.16 29.03
N VAL A 201 -27.67 23.32 29.30
CA VAL A 201 -27.29 23.73 30.65
C VAL A 201 -27.80 25.16 30.86
N LYS A 202 -28.53 25.37 31.95
CA LYS A 202 -29.07 26.68 32.28
C LYS A 202 -28.17 27.34 33.32
N THR A 203 -27.72 28.56 33.03
CA THR A 203 -26.87 29.32 33.93
C THR A 203 -27.72 30.18 34.85
N GLN A 204 -27.14 30.59 35.98
CA GLN A 204 -27.84 31.37 37.00
C GLN A 204 -28.16 32.78 36.49
N LEU B 10 15.82 19.97 33.40
CA LEU B 10 15.26 18.82 32.68
C LEU B 10 16.32 17.93 31.95
N TYR B 11 15.84 17.02 31.11
CA TYR B 11 16.69 16.05 30.41
C TYR B 11 16.77 16.43 28.94
N PHE B 12 17.93 16.19 28.34
CA PHE B 12 18.13 16.45 26.94
C PHE B 12 18.37 15.08 26.26
N GLN B 13 17.42 14.65 25.48
CA GLN B 13 17.57 13.41 24.74
C GLN B 13 16.79 13.51 23.44
N GLY B 14 17.34 12.96 22.37
CA GLY B 14 16.62 12.90 21.12
C GLY B 14 15.37 12.05 21.22
N PRO B 15 14.50 12.17 20.22
CA PRO B 15 13.22 11.49 20.27
C PRO B 15 13.38 9.98 20.11
N LYS B 16 12.32 9.24 20.49
CA LYS B 16 12.30 7.80 20.29
C LYS B 16 12.06 7.44 18.81
N PRO B 17 12.33 6.19 18.41
CA PRO B 17 12.08 5.79 17.01
C PRO B 17 10.60 5.68 16.74
N PRO B 18 10.15 6.23 15.61
CA PRO B 18 8.80 5.95 15.12
C PRO B 18 8.55 4.46 15.03
N ILE B 19 7.29 4.07 15.15
CA ILE B 19 6.92 2.66 15.09
C ILE B 19 5.78 2.45 14.09
N ASP B 20 5.51 1.17 13.83
CA ASP B 20 4.39 0.79 12.97
CA ASP B 20 4.45 0.71 12.93
C ASP B 20 4.53 1.38 11.57
N LEU B 21 5.74 1.44 11.06
CA LEU B 21 5.95 1.87 9.68
C LEU B 21 5.34 0.81 8.74
N VAL B 22 4.44 1.22 7.85
CA VAL B 22 3.74 0.26 6.97
C VAL B 22 3.62 0.91 5.59
N VAL B 23 3.65 0.05 4.56
CA VAL B 23 3.35 0.47 3.20
C VAL B 23 1.83 0.51 3.00
N THR B 24 1.32 1.65 2.53
CA THR B 24 -0.10 1.79 2.30
C THR B 24 -0.47 1.77 0.83
N GLU B 25 0.45 2.09 -0.08
CA GLU B 25 0.19 2.17 -1.52
C GLU B 25 1.50 1.98 -2.27
N THR B 26 1.43 1.44 -3.49
CA THR B 26 2.62 1.41 -4.32
C THR B 26 2.24 1.66 -5.76
N THR B 27 3.13 2.31 -6.50
CA THR B 27 3.01 2.31 -7.95
C THR B 27 4.30 1.76 -8.54
N ALA B 28 4.42 1.88 -9.88
CA ALA B 28 5.65 1.44 -10.55
C ALA B 28 6.85 2.30 -10.13
N THR B 29 6.63 3.52 -9.65
CA THR B 29 7.75 4.40 -9.32
C THR B 29 7.68 5.01 -7.92
N SER B 30 6.81 4.52 -7.05
CA SER B 30 6.61 5.20 -5.78
C SER B 30 6.18 4.17 -4.74
N VAL B 31 6.45 4.48 -3.48
CA VAL B 31 5.97 3.70 -2.34
C VAL B 31 5.44 4.72 -1.35
N THR B 32 4.21 4.51 -0.89
CA THR B 32 3.61 5.39 0.10
C THR B 32 3.66 4.71 1.45
N LEU B 33 4.16 5.45 2.47
CA LEU B 33 4.40 4.97 3.83
C LEU B 33 3.54 5.73 4.83
N THR B 34 3.17 5.05 5.91
CA THR B 34 2.58 5.73 7.05
C THR B 34 3.20 5.15 8.31
N TRP B 35 3.26 5.96 9.37
CA TRP B 35 3.84 5.48 10.62
C TRP B 35 3.20 6.19 11.79
N ASP B 36 3.57 5.70 12.97
CA ASP B 36 3.22 6.28 14.25
C ASP B 36 4.49 6.93 14.78
N SER B 37 4.30 8.07 15.47
CA SER B 37 5.42 8.91 15.94
C SER B 37 6.35 8.15 16.85
N GLY B 38 5.82 7.19 17.60
CA GLY B 38 6.60 6.45 18.58
C GLY B 38 7.01 7.27 19.77
N ASN B 39 6.46 8.47 19.90
CA ASN B 39 6.88 9.46 20.88
C ASN B 39 5.67 10.02 21.60
N SER B 40 5.82 10.25 22.91
CA SER B 40 4.77 10.91 23.67
C SER B 40 4.79 12.42 23.43
N GLU B 41 5.98 12.97 23.27
CA GLU B 41 6.16 14.38 23.04
C GLU B 41 6.00 14.70 21.55
N PRO B 42 5.71 15.95 21.19
CA PRO B 42 5.53 16.27 19.77
C PRO B 42 6.86 16.24 19.01
N VAL B 43 6.78 15.76 17.79
CA VAL B 43 7.89 15.64 16.87
C VAL B 43 7.84 16.84 15.94
N THR B 44 9.00 17.46 15.66
CA THR B 44 9.01 18.58 14.74
C THR B 44 8.79 18.13 13.28
N TYR B 45 9.55 17.14 12.84
CA TYR B 45 9.44 16.56 11.50
C TYR B 45 10.13 15.21 11.50
N TYR B 46 10.06 14.52 10.35
CA TYR B 46 10.63 13.19 10.20
C TYR B 46 11.64 13.18 9.05
N GLY B 47 12.57 12.23 9.12
CA GLY B 47 13.45 11.91 8.00
C GLY B 47 13.13 10.49 7.52
N ILE B 48 13.11 10.31 6.21
CA ILE B 48 12.88 8.99 5.61
C ILE B 48 14.16 8.59 4.90
N GLN B 49 14.67 7.41 5.25
CA GLN B 49 15.88 6.88 4.67
C GLN B 49 15.49 5.63 3.89
N TYR B 50 16.13 5.43 2.73
CA TYR B 50 15.77 4.29 1.89
C TYR B 50 16.92 3.95 0.95
N ARG B 51 16.92 2.69 0.51
CA ARG B 51 17.96 2.22 -0.39
C ARG B 51 17.43 0.98 -1.11
N ALA B 52 18.00 0.73 -2.27
CA ALA B 52 17.65 -0.48 -3.00
C ALA B 52 18.05 -1.68 -2.16
N ALA B 53 17.20 -2.69 -2.14
CA ALA B 53 17.31 -3.80 -1.20
C ALA B 53 18.65 -4.51 -1.28
N GLY B 54 19.17 -4.87 -0.10
CA GLY B 54 20.46 -5.55 0.01
C GLY B 54 21.63 -4.79 -0.58
N THR B 55 21.57 -3.47 -0.62
CA THR B 55 22.60 -2.69 -1.28
C THR B 55 23.70 -2.27 -0.31
N GLU B 56 24.90 -2.15 -0.88
CA GLU B 56 26.13 -1.90 -0.15
C GLU B 56 26.22 -0.46 0.36
N GLY B 57 26.17 0.50 -0.56
CA GLY B 57 26.47 1.88 -0.27
C GLY B 57 25.47 2.72 0.50
N PRO B 58 25.56 4.04 0.29
CA PRO B 58 24.85 4.99 1.15
C PRO B 58 23.38 5.10 0.81
N PHE B 59 22.56 5.25 1.86
CA PHE B 59 21.12 5.40 1.70
C PHE B 59 20.75 6.78 1.17
N GLN B 60 19.58 6.83 0.54
CA GLN B 60 18.95 8.07 0.15
C GLN B 60 18.08 8.59 1.30
N GLU B 61 17.79 9.89 1.28
CA GLU B 61 17.06 10.50 2.40
C GLU B 61 16.08 11.56 1.92
N VAL B 62 14.87 11.59 2.50
CA VAL B 62 14.00 12.75 2.37
C VAL B 62 13.88 13.34 3.77
N ASP B 63 14.30 14.58 3.92
CA ASP B 63 14.27 15.25 5.22
C ASP B 63 13.14 16.25 5.24
N GLY B 64 12.70 16.63 6.45
CA GLY B 64 11.73 17.69 6.61
C GLY B 64 10.31 17.26 6.33
N VAL B 65 9.98 15.99 6.57
CA VAL B 65 8.64 15.48 6.33
C VAL B 65 7.77 15.82 7.52
N ALA B 66 6.70 16.55 7.29
CA ALA B 66 6.04 17.14 8.44
C ALA B 66 4.86 16.33 8.97
N THR B 67 4.45 15.26 8.30
CA THR B 67 3.30 14.41 8.62
C THR B 67 3.76 12.97 8.86
N THR B 68 2.82 12.11 9.25
CA THR B 68 3.20 10.72 9.44
C THR B 68 2.82 9.86 8.22
N ARG B 69 2.75 10.47 7.05
CA ARG B 69 2.46 9.78 5.79
C ARG B 69 3.31 10.44 4.70
N TYR B 70 3.88 9.66 3.79
CA TYR B 70 4.71 10.29 2.74
C TYR B 70 4.86 9.31 1.58
N SER B 71 4.99 9.83 0.37
CA SER B 71 5.15 8.99 -0.81
CA SER B 71 5.14 9.00 -0.82
C SER B 71 6.52 9.25 -1.41
N ILE B 72 7.38 8.24 -1.39
CA ILE B 72 8.71 8.34 -1.97
C ILE B 72 8.58 8.03 -3.44
N GLY B 73 8.91 8.99 -4.30
CA GLY B 73 8.83 8.83 -5.74
C GLY B 73 10.18 8.64 -6.38
N GLY B 74 10.18 8.66 -7.70
CA GLY B 74 11.42 8.52 -8.43
C GLY B 74 12.02 7.13 -8.38
N LEU B 75 11.24 6.11 -7.99
CA LEU B 75 11.83 4.78 -7.83
C LEU B 75 11.80 4.00 -9.16
N SER B 76 12.63 2.99 -9.24
CA SER B 76 12.62 2.14 -10.44
C SER B 76 11.50 1.09 -10.37
N PRO B 77 10.88 0.78 -11.52
CA PRO B 77 9.86 -0.28 -11.53
C PRO B 77 10.40 -1.63 -11.11
N PHE B 78 9.50 -2.44 -10.52
CA PHE B 78 9.76 -3.84 -10.23
C PHE B 78 11.06 -4.02 -9.47
N SER B 79 11.28 -3.15 -8.48
CA SER B 79 12.52 -3.07 -7.72
C SER B 79 12.24 -3.11 -6.22
N GLU B 80 13.10 -3.80 -5.47
CA GLU B 80 12.91 -3.92 -4.03
C GLU B 80 13.67 -2.83 -3.28
N TYR B 81 12.98 -2.17 -2.36
CA TYR B 81 13.56 -1.08 -1.55
C TYR B 81 13.32 -1.39 -0.08
N ALA B 82 14.15 -0.77 0.77
CA ALA B 82 14.00 -0.81 2.20
C ALA B 82 13.83 0.63 2.66
N PHE B 83 12.93 0.86 3.62
CA PHE B 83 12.60 2.18 4.13
C PHE B 83 12.70 2.19 5.64
N ARG B 84 13.08 3.33 6.21
CA ARG B 84 13.00 3.50 7.65
C ARG B 84 12.81 4.99 7.92
N VAL B 85 12.18 5.30 9.04
CA VAL B 85 11.80 6.68 9.33
C VAL B 85 12.34 7.03 10.72
N LEU B 86 12.80 8.27 10.85
CA LEU B 86 13.31 8.79 12.12
C LEU B 86 12.59 10.09 12.42
N ALA B 87 12.46 10.38 13.73
CA ALA B 87 11.84 11.59 14.24
C ALA B 87 12.91 12.62 14.60
N VAL B 88 12.53 13.90 14.52
CA VAL B 88 13.41 15.03 14.86
C VAL B 88 12.64 15.98 15.77
N ASN B 89 13.27 16.44 16.85
CA ASN B 89 12.67 17.51 17.62
C ASN B 89 13.75 18.56 17.93
N SER B 90 13.44 19.45 18.87
CA SER B 90 14.36 20.55 19.20
C SER B 90 15.69 20.04 19.72
N ILE B 91 15.73 18.82 20.31
CA ILE B 91 16.98 18.28 20.83
C ILE B 91 17.86 17.73 19.71
N GLY B 92 17.28 17.00 18.75
CA GLY B 92 18.04 16.51 17.63
C GLY B 92 17.26 15.38 16.94
N ARG B 93 17.99 14.63 16.13
CA ARG B 93 17.42 13.48 15.40
C ARG B 93 17.47 12.24 16.27
N GLY B 94 16.42 11.43 16.20
CA GLY B 94 16.36 10.20 16.95
C GLY B 94 16.81 9.04 16.09
N PRO B 95 16.84 7.85 16.68
CA PRO B 95 17.19 6.65 15.90
C PRO B 95 16.06 6.27 14.94
N PRO B 96 16.38 5.55 13.88
CA PRO B 96 15.34 5.15 12.91
C PRO B 96 14.45 4.01 13.41
N SER B 97 13.27 3.97 12.81
CA SER B 97 12.35 2.85 13.00
C SER B 97 12.94 1.53 12.49
N GLU B 98 12.26 0.46 12.85
CA GLU B 98 12.46 -0.78 12.15
C GLU B 98 12.17 -0.52 10.68
N ALA B 99 12.96 -1.13 9.80
CA ALA B 99 12.84 -0.91 8.36
C ALA B 99 11.72 -1.78 7.76
N VAL B 100 11.05 -1.26 6.72
CA VAL B 100 10.07 -2.03 5.98
C VAL B 100 10.54 -2.19 4.55
N ARG B 101 10.10 -3.28 3.90
CA ARG B 101 10.50 -3.57 2.54
C ARG B 101 9.30 -3.48 1.61
N ALA B 102 9.52 -2.93 0.43
CA ALA B 102 8.49 -2.91 -0.57
C ALA B 102 9.12 -3.11 -1.93
N ARG B 103 8.33 -3.68 -2.84
CA ARG B 103 8.71 -3.77 -4.24
C ARG B 103 7.73 -2.90 -5.04
N THR B 104 8.23 -2.07 -5.94
CA THR B 104 7.39 -1.28 -6.80
C THR B 104 6.70 -2.16 -7.87
N GLY B 105 5.63 -1.63 -8.47
CA GLY B 105 4.90 -2.34 -9.50
C GLY B 105 5.61 -2.35 -10.84
N GLU B 106 4.94 -2.96 -11.80
CA GLU B 106 5.54 -3.21 -13.09
C GLU B 106 5.22 -2.13 -14.11
N GLN B 107 6.09 -2.04 -15.10
CA GLN B 107 5.84 -1.32 -16.32
C GLN B 107 6.13 -2.27 -17.50
N ALA B 108 5.93 -1.75 -18.70
CA ALA B 108 6.48 -2.40 -19.87
C ALA B 108 8.01 -2.35 -19.80
N PRO B 109 8.70 -3.32 -20.37
CA PRO B 109 10.15 -3.24 -20.43
C PRO B 109 10.60 -1.95 -21.10
N SER B 110 11.74 -1.43 -20.65
CA SER B 110 12.27 -0.21 -21.24
C SER B 110 13.59 -0.45 -21.94
N SER B 111 13.96 -1.71 -22.21
CA SER B 111 15.13 -2.06 -23.02
C SER B 111 14.79 -3.30 -23.83
N PRO B 112 15.55 -3.60 -24.87
CA PRO B 112 15.16 -4.69 -25.77
C PRO B 112 15.74 -6.01 -25.30
N PRO B 113 15.21 -7.13 -25.80
CA PRO B 113 15.92 -8.39 -25.65
C PRO B 113 17.32 -8.20 -26.17
N ARG B 114 18.28 -8.92 -25.61
CA ARG B 114 19.69 -8.70 -25.93
C ARG B 114 20.27 -9.84 -26.77
N ARG B 115 21.27 -9.49 -27.58
CA ARG B 115 22.07 -10.45 -28.35
C ARG B 115 21.17 -11.32 -29.23
N VAL B 116 20.22 -10.67 -29.92
CA VAL B 116 19.37 -11.40 -30.85
C VAL B 116 20.23 -12.02 -31.94
N GLN B 117 19.98 -13.30 -32.22
CA GLN B 117 20.72 -13.97 -33.26
C GLN B 117 19.79 -14.99 -33.88
N ALA B 118 20.17 -15.37 -35.10
CA ALA B 118 19.39 -16.34 -35.84
C ALA B 118 20.32 -17.19 -36.71
N ARG B 119 19.82 -18.38 -37.07
CA ARG B 119 20.54 -19.17 -38.06
C ARG B 119 19.54 -20.13 -38.68
N MET B 120 19.79 -20.51 -39.92
CA MET B 120 18.85 -21.36 -40.65
C MET B 120 19.10 -22.81 -40.25
N LEU B 121 18.06 -23.47 -39.73
CA LEU B 121 18.20 -24.88 -39.44
C LEU B 121 17.96 -25.74 -40.67
N SER B 122 17.20 -25.18 -41.61
CA SER B 122 16.90 -25.85 -42.89
C SER B 122 16.72 -24.73 -43.91
N ALA B 123 16.38 -25.07 -45.15
CA ALA B 123 16.19 -24.02 -46.15
C ALA B 123 15.04 -23.11 -45.76
N SER B 124 14.09 -23.59 -45.00
CA SER B 124 12.92 -22.80 -44.69
C SER B 124 12.67 -22.52 -43.20
N THR B 125 13.42 -23.11 -42.28
CA THR B 125 13.21 -22.91 -40.83
C THR B 125 14.38 -22.14 -40.24
N MET B 126 14.06 -21.06 -39.52
CA MET B 126 15.01 -20.21 -38.85
C MET B 126 14.90 -20.42 -37.35
N LEU B 127 16.04 -20.60 -36.68
CA LEU B 127 16.15 -20.62 -35.24
C LEU B 127 16.51 -19.21 -34.77
N VAL B 128 15.71 -18.65 -33.87
CA VAL B 128 15.98 -17.32 -33.32
C VAL B 128 16.19 -17.43 -31.81
N GLN B 129 17.17 -16.70 -31.27
CA GLN B 129 17.34 -16.74 -29.84
C GLN B 129 17.90 -15.42 -29.33
N TRP B 130 17.77 -15.24 -28.03
CA TRP B 130 18.08 -13.95 -27.43
C TRP B 130 18.24 -14.14 -25.93
N GLU B 131 18.54 -13.03 -25.26
CA GLU B 131 18.65 -12.94 -23.82
C GLU B 131 17.62 -11.95 -23.32
N PRO B 132 17.23 -12.05 -22.05
CA PRO B 132 16.25 -11.13 -21.48
C PRO B 132 16.74 -9.69 -21.56
N PRO B 133 15.83 -8.73 -21.52
CA PRO B 133 16.22 -7.32 -21.50
C PRO B 133 16.92 -6.98 -20.19
N GLU B 134 17.75 -5.94 -20.27
CA GLU B 134 18.38 -5.37 -19.07
C GLU B 134 17.36 -4.70 -18.15
N GLU B 135 16.30 -4.12 -18.73
CA GLU B 135 15.26 -3.42 -17.99
C GLU B 135 13.88 -4.02 -18.26
N PRO B 136 13.61 -5.22 -17.72
CA PRO B 136 12.28 -5.83 -17.94
C PRO B 136 11.16 -5.08 -17.28
N ASN B 137 11.43 -4.44 -16.13
CA ASN B 137 10.44 -3.67 -15.39
C ASN B 137 9.28 -4.51 -14.92
N GLY B 138 9.49 -5.81 -14.78
CA GLY B 138 8.45 -6.72 -14.39
C GLY B 138 8.77 -8.13 -14.86
N LEU B 139 7.85 -9.03 -14.54
CA LEU B 139 8.02 -10.42 -14.95
C LEU B 139 7.77 -10.48 -16.44
N VAL B 140 8.77 -10.93 -17.20
CA VAL B 140 8.59 -11.04 -18.64
C VAL B 140 7.65 -12.20 -18.93
N ARG B 141 6.54 -11.92 -19.62
CA ARG B 141 5.55 -12.95 -19.92
C ARG B 141 5.75 -13.60 -21.29
N GLY B 142 6.59 -13.01 -22.12
CA GLY B 142 6.79 -13.56 -23.46
C GLY B 142 7.57 -12.57 -24.30
N TYR B 143 7.79 -12.98 -25.56
CA TYR B 143 8.44 -12.17 -26.59
C TYR B 143 7.59 -12.17 -27.85
N ARG B 144 7.83 -11.16 -28.69
CA ARG B 144 7.21 -11.07 -30.01
C ARG B 144 8.34 -10.91 -31.03
N VAL B 145 8.39 -11.83 -31.98
CA VAL B 145 9.39 -11.81 -33.06
C VAL B 145 8.69 -11.24 -34.29
N TYR B 146 9.19 -10.13 -34.80
CA TYR B 146 8.69 -9.50 -36.03
C TYR B 146 9.68 -9.75 -37.17
N TYR B 147 9.17 -10.19 -38.32
CA TYR B 147 10.07 -10.45 -39.43
C TYR B 147 9.37 -10.12 -40.75
N THR B 148 10.18 -9.81 -41.77
CA THR B 148 9.60 -9.41 -43.04
C THR B 148 10.60 -9.75 -44.14
N PRO B 149 10.13 -10.16 -45.32
CA PRO B 149 11.01 -10.28 -46.48
C PRO B 149 11.30 -8.95 -47.17
N ASP B 150 10.64 -7.86 -46.78
CA ASP B 150 10.81 -6.54 -47.38
C ASP B 150 11.12 -5.54 -46.27
N SER B 151 12.39 -5.13 -46.17
CA SER B 151 12.81 -4.31 -45.03
C SER B 151 12.22 -2.90 -45.04
N ARG B 152 11.80 -2.40 -46.20
CA ARG B 152 11.15 -1.09 -46.25
C ARG B 152 9.70 -1.11 -45.80
N ARG B 153 9.15 -2.30 -45.55
CA ARG B 153 7.76 -2.42 -45.17
C ARG B 153 7.53 -1.76 -43.82
N PRO B 154 6.41 -1.04 -43.64
CA PRO B 154 6.14 -0.44 -42.35
C PRO B 154 6.05 -1.52 -41.27
N PRO B 155 6.47 -1.21 -40.04
CA PRO B 155 6.47 -2.23 -38.97
C PRO B 155 5.13 -2.91 -38.77
N ASN B 156 4.02 -2.19 -38.97
CA ASN B 156 2.72 -2.77 -38.71
C ASN B 156 2.30 -3.81 -39.76
N ALA B 157 3.06 -3.95 -40.85
CA ALA B 157 2.85 -5.00 -41.85
C ALA B 157 3.88 -6.13 -41.78
N TRP B 158 4.83 -6.06 -40.84
CA TRP B 158 5.73 -7.17 -40.60
C TRP B 158 4.95 -8.35 -40.04
N HIS B 159 5.45 -9.55 -40.30
CA HIS B 159 4.86 -10.75 -39.74
C HIS B 159 5.23 -10.86 -38.25
N LYS B 160 4.26 -11.25 -37.42
CA LYS B 160 4.48 -11.32 -35.97
C LYS B 160 4.34 -12.76 -35.49
N HIS B 161 5.32 -13.21 -34.72
CA HIS B 161 5.42 -14.54 -34.15
C HIS B 161 5.52 -14.41 -32.63
N ASN B 162 4.46 -14.75 -31.89
CA ASN B 162 4.56 -14.64 -30.43
C ASN B 162 5.19 -15.86 -29.79
N THR B 163 5.91 -15.65 -28.66
CA THR B 163 6.49 -16.73 -27.88
C THR B 163 6.18 -16.56 -26.39
N ASP B 164 6.41 -17.61 -25.61
CA ASP B 164 6.35 -17.45 -24.15
C ASP B 164 7.69 -16.89 -23.69
N ALA B 165 7.95 -16.90 -22.37
CA ALA B 165 9.15 -16.25 -21.84
C ALA B 165 10.41 -17.06 -22.08
N GLY B 166 10.36 -18.16 -22.85
CA GLY B 166 11.58 -18.86 -23.18
C GLY B 166 12.44 -17.99 -24.08
N LEU B 167 13.69 -18.39 -24.28
CA LEU B 167 14.66 -17.54 -24.97
C LEU B 167 15.01 -18.01 -26.37
N LEU B 168 14.19 -18.89 -26.98
CA LEU B 168 14.49 -19.36 -28.31
C LEU B 168 13.17 -19.81 -28.96
N THR B 169 13.13 -19.76 -30.29
CA THR B 169 11.92 -20.18 -31.00
C THR B 169 12.35 -20.49 -32.42
N THR B 170 11.46 -21.11 -33.17
CA THR B 170 11.66 -21.30 -34.61
C THR B 170 10.57 -20.56 -35.36
N VAL B 171 10.94 -20.08 -36.55
CA VAL B 171 10.01 -19.54 -37.53
C VAL B 171 10.19 -20.32 -38.81
N GLY B 172 9.10 -20.93 -39.30
CA GLY B 172 9.14 -21.84 -40.41
C GLY B 172 8.53 -21.28 -41.69
N SER B 173 8.58 -22.11 -42.73
CA SER B 173 7.99 -21.80 -44.03
C SER B 173 8.56 -20.53 -44.67
N LEU B 174 9.80 -20.20 -44.37
CA LEU B 174 10.44 -19.04 -44.98
C LEU B 174 10.77 -19.32 -46.46
N LEU B 175 10.80 -18.22 -47.27
CA LEU B 175 10.98 -18.24 -48.72
C LEU B 175 12.48 -18.32 -49.04
N PRO B 176 12.87 -19.06 -50.08
CA PRO B 176 14.30 -19.25 -50.36
C PRO B 176 14.94 -18.08 -51.09
N GLY B 177 16.25 -17.91 -50.84
CA GLY B 177 17.03 -16.96 -51.60
C GLY B 177 16.70 -15.50 -51.30
N ILE B 178 16.20 -15.23 -50.10
CA ILE B 178 15.61 -13.95 -49.68
C ILE B 178 16.39 -13.39 -48.47
N THR B 179 16.45 -12.08 -48.34
CA THR B 179 16.97 -11.51 -47.10
C THR B 179 15.81 -11.08 -46.23
N TYR B 180 15.67 -11.69 -45.05
CA TYR B 180 14.68 -11.30 -44.08
C TYR B 180 15.26 -10.30 -43.08
N SER B 181 14.42 -9.39 -42.62
CA SER B 181 14.73 -8.49 -41.50
C SER B 181 13.94 -8.95 -40.29
N LEU B 182 14.54 -8.84 -39.09
CA LEU B 182 13.94 -9.47 -37.93
C LEU B 182 14.25 -8.61 -36.71
N ARG B 183 13.27 -8.43 -35.81
CA ARG B 183 13.44 -7.73 -34.53
C ARG B 183 12.66 -8.49 -33.48
N VAL B 184 13.07 -8.38 -32.23
CA VAL B 184 12.36 -9.05 -31.14
C VAL B 184 12.11 -8.02 -30.04
N LEU B 185 10.93 -8.09 -29.41
CA LEU B 185 10.70 -7.27 -28.20
C LEU B 185 10.20 -8.20 -27.10
N ALA B 186 10.32 -7.73 -25.84
CA ALA B 186 9.80 -8.42 -24.67
C ALA B 186 8.52 -7.74 -24.22
N PHE B 187 7.67 -8.48 -23.50
CA PHE B 187 6.52 -7.84 -22.88
C PHE B 187 6.31 -8.40 -21.47
N THR B 188 5.89 -7.49 -20.55
CA THR B 188 5.34 -7.84 -19.25
C THR B 188 3.82 -7.84 -19.34
N ALA B 189 3.14 -8.08 -18.20
CA ALA B 189 1.70 -7.97 -18.19
C ALA B 189 1.22 -6.55 -18.50
N VAL B 190 2.09 -5.55 -18.35
CA VAL B 190 1.73 -4.17 -18.62
C VAL B 190 1.75 -3.83 -20.10
N GLY B 191 2.73 -4.30 -20.86
CA GLY B 191 2.76 -4.01 -22.28
C GLY B 191 4.08 -4.38 -22.91
N ASP B 192 4.19 -4.02 -24.20
CA ASP B 192 5.37 -4.32 -25.00
C ASP B 192 6.50 -3.34 -24.73
N GLY B 193 7.73 -3.85 -24.68
CA GLY B 193 8.90 -3.01 -24.63
C GLY B 193 9.44 -2.70 -26.03
N PRO B 194 10.58 -2.01 -26.11
CA PRO B 194 11.12 -1.63 -27.42
C PRO B 194 11.77 -2.81 -28.10
N PRO B 195 11.81 -2.83 -29.45
CA PRO B 195 12.45 -3.95 -30.14
C PRO B 195 13.96 -3.81 -30.20
N SER B 196 14.62 -4.97 -30.32
CA SER B 196 16.04 -5.02 -30.63
C SER B 196 16.29 -4.35 -31.97
N PRO B 197 17.53 -3.92 -32.21
CA PRO B 197 17.90 -3.46 -33.55
C PRO B 197 17.68 -4.59 -34.54
N THR B 198 17.33 -4.21 -35.75
CA THR B 198 17.05 -5.22 -36.77
C THR B 198 18.29 -6.05 -37.08
N ILE B 199 18.10 -7.37 -37.36
CA ILE B 199 19.17 -8.15 -37.94
C ILE B 199 18.69 -8.64 -39.31
N GLN B 200 19.63 -8.82 -40.22
CA GLN B 200 19.28 -9.37 -41.54
C GLN B 200 19.69 -10.82 -41.55
N VAL B 201 18.80 -11.70 -42.03
CA VAL B 201 19.02 -13.13 -42.09
C VAL B 201 18.77 -13.56 -43.53
N LYS B 202 19.76 -14.20 -44.15
CA LYS B 202 19.66 -14.63 -45.54
C LYS B 202 19.33 -16.12 -45.62
N THR B 203 18.33 -16.46 -46.42
CA THR B 203 17.98 -17.86 -46.66
C THR B 203 18.67 -18.34 -47.94
N GLN B 204 18.96 -19.64 -47.99
CA GLN B 204 19.74 -20.14 -49.13
C GLN B 204 18.91 -20.21 -50.40
N GLN B 205 19.55 -19.88 -51.52
CA GLN B 205 18.87 -19.99 -52.80
C GLN B 205 18.64 -21.45 -53.16
#